data_7CBO
#
_entry.id   7CBO
#
_cell.length_a   55.231
_cell.length_b   72.132
_cell.length_c   138.228
_cell.angle_alpha   90.000
_cell.angle_beta   90.000
_cell.angle_gamma   90.000
#
_symmetry.space_group_name_H-M   'P 21 21 21'
#
loop_
_entity.id
_entity.type
_entity.pdbx_description
1 polymer Beta-N-acetylhexosaminidase
2 non-polymer 2-acetamido-2-deoxy-beta-D-glucopyranose
3 non-polymer GLYCEROL
4 non-polymer 'SULFATE ION'
5 water water
#
_entity_poly.entity_id   1
_entity_poly.type   'polypeptide(L)'
_entity_poly.pdbx_seq_one_letter_code
;MGHHHHHHMAPHTIPLPAAMRVQTGESGFSLKNGVRLPEKNPLSRQAERIFRDNGINTALVKNNADIIFTEDASLGREGY
RLAVTPDSISIASGSVNGTLYALQSLVQSIAADKNGAPALPRMDVKDQPRFSWRGLMVDSCRHMMPVRDIKKVLDLMERY
KFNTLHWHLTDDQGWRLPIAKYPRLTTVGGARAQSPVIGNRNKGDGIPYSGHYTADEIRDVVRYARDRGITVIPEVEMPG
HASAAIAAYPELGNTDIPGYEPRVQETWGVHSYTFSPTEKTFRFLEDVIDEICALFPDSPYIHIGGDEAPKNQWKQSPTA
QRVMKDNGLANEHELQSYFIRRVEKMINNRGKRLIGWDEIQEGGLSPTATMMVWRSQMPHIAAQALAQGNDIVMTPNSHL
YFDYDQGPGKPAAPEYETINNNQLTWQHVYGLEPVPQGTPREREKQVLGCQANIWTEYIPNLPKWEYHVFPRALALAEVA
WTPQELKNEKDFRKRLDRQLPFLDARGVNYKRPDNGAPAQPKAVITRERRLEHHHHHH
;
_entity_poly.pdbx_strand_id   A
#
# COMPACT_ATOMS: atom_id res chain seq x y z
N HIS A 8 32.98 -9.51 -11.19
CA HIS A 8 32.00 -8.78 -10.37
C HIS A 8 30.96 -9.76 -9.84
N MET A 9 30.49 -9.51 -8.62
CA MET A 9 29.38 -10.28 -8.10
C MET A 9 28.12 -10.00 -8.92
N ALA A 10 27.19 -10.95 -8.88
CA ALA A 10 25.95 -10.80 -9.61
C ALA A 10 25.08 -9.73 -8.95
N PRO A 11 24.28 -9.02 -9.73
CA PRO A 11 23.37 -8.03 -9.13
C PRO A 11 22.45 -8.66 -8.09
N HIS A 12 22.10 -7.86 -7.08
CA HIS A 12 21.21 -8.33 -6.01
C HIS A 12 19.82 -7.70 -6.11
N THR A 13 19.47 -7.18 -7.28
CA THR A 13 18.20 -6.50 -7.49
C THR A 13 17.01 -7.37 -7.08
N ILE A 14 16.14 -6.76 -6.28
CA ILE A 14 14.81 -7.29 -5.99
C ILE A 14 13.83 -6.18 -6.36
N PRO A 15 12.83 -6.44 -7.21
CA PRO A 15 12.50 -7.73 -7.85
C PRO A 15 13.50 -8.13 -8.95
N LEU A 16 13.65 -9.44 -9.14
CA LEU A 16 14.50 -9.95 -10.19
C LEU A 16 14.01 -9.46 -11.55
N PRO A 17 14.86 -8.86 -12.37
CA PRO A 17 14.41 -8.40 -13.70
C PRO A 17 13.99 -9.56 -14.59
N ALA A 18 13.09 -9.25 -15.53
CA ALA A 18 12.58 -10.27 -16.44
C ALA A 18 13.65 -10.78 -17.40
N ALA A 19 14.61 -9.93 -17.78
CA ALA A 19 15.71 -10.34 -18.66
C ALA A 19 16.95 -9.57 -18.24
N MET A 20 18.01 -10.29 -17.91
CA MET A 20 19.24 -9.65 -17.44
C MET A 20 20.41 -10.52 -17.87
N ARG A 21 21.35 -9.93 -18.61
CA ARG A 21 22.55 -10.62 -19.05
C ARG A 21 23.75 -9.88 -18.46
N VAL A 22 24.50 -10.56 -17.59
CA VAL A 22 25.67 -9.99 -16.96
C VAL A 22 26.89 -10.74 -17.48
N GLN A 23 27.89 -10.01 -17.92
CA GLN A 23 29.14 -10.58 -18.39
C GLN A 23 30.18 -10.33 -17.31
N THR A 24 30.16 -11.19 -16.28
CA THR A 24 30.94 -10.95 -15.07
C THR A 24 32.43 -10.90 -15.34
N GLY A 25 32.91 -11.55 -16.41
CA GLY A 25 34.33 -11.55 -16.71
C GLY A 25 34.82 -10.37 -17.51
N GLU A 26 33.92 -9.56 -18.05
CA GLU A 26 34.28 -8.40 -18.86
C GLU A 26 34.47 -7.17 -17.98
N SER A 27 35.16 -6.18 -18.54
CA SER A 27 35.36 -4.91 -17.84
C SER A 27 34.03 -4.19 -17.71
N GLY A 28 33.76 -3.66 -16.52
CA GLY A 28 32.55 -2.95 -16.22
C GLY A 28 32.75 -1.45 -16.20
N PHE A 29 31.92 -0.77 -15.42
CA PHE A 29 31.97 0.69 -15.28
C PHE A 29 32.34 1.01 -13.84
N SER A 30 33.46 1.70 -13.65
CA SER A 30 33.94 2.03 -12.31
C SER A 30 33.18 3.22 -11.74
N LEU A 31 32.73 3.09 -10.49
CA LEU A 31 32.07 4.15 -9.77
C LEU A 31 32.98 4.83 -8.74
N LYS A 32 34.28 4.53 -8.78
CA LYS A 32 35.18 5.04 -7.74
C LYS A 32 35.24 6.56 -7.73
N ASN A 33 34.99 7.20 -8.86
CA ASN A 33 35.00 8.65 -8.98
C ASN A 33 33.60 9.24 -9.17
N GLY A 34 32.56 8.53 -8.72
CA GLY A 34 31.21 9.03 -8.85
C GLY A 34 30.64 8.85 -10.24
N VAL A 35 29.47 9.46 -10.43
CA VAL A 35 28.74 9.39 -11.69
C VAL A 35 28.47 10.81 -12.16
N ARG A 36 28.76 11.10 -13.43
CA ARG A 36 28.46 12.39 -14.03
C ARG A 36 27.09 12.30 -14.71
N LEU A 37 26.22 13.27 -14.41
CA LEU A 37 24.84 13.27 -14.88
C LEU A 37 24.60 14.46 -15.80
N PRO A 38 23.79 14.29 -16.85
CA PRO A 38 23.55 15.41 -17.78
C PRO A 38 22.71 16.48 -17.11
N GLU A 39 23.25 17.70 -17.02
CA GLU A 39 22.66 18.70 -16.14
C GLU A 39 21.31 19.19 -16.65
N LYS A 40 21.06 19.12 -17.96
CA LYS A 40 19.81 19.66 -18.48
C LYS A 40 18.64 18.68 -18.40
N ASN A 41 18.91 17.40 -18.19
CA ASN A 41 17.82 16.45 -18.16
C ASN A 41 17.18 16.43 -16.77
N PRO A 42 15.86 16.63 -16.66
CA PRO A 42 15.23 16.57 -15.32
C PRO A 42 15.43 15.23 -14.64
N LEU A 43 15.64 14.16 -15.41
CA LEU A 43 15.84 12.84 -14.82
C LEU A 43 17.10 12.77 -13.96
N SER A 44 18.07 13.66 -14.20
CA SER A 44 19.30 13.64 -13.40
C SER A 44 19.04 13.94 -11.94
N ARG A 45 17.99 14.71 -11.64
CA ARG A 45 17.64 14.98 -10.24
C ARG A 45 17.28 13.70 -9.51
N GLN A 46 16.54 12.82 -10.17
CA GLN A 46 16.18 11.55 -9.56
C GLN A 46 17.39 10.62 -9.46
N ALA A 47 18.24 10.61 -10.49
CA ALA A 47 19.48 9.84 -10.42
C ALA A 47 20.37 10.33 -9.27
N GLU A 48 20.46 11.65 -9.10
CA GLU A 48 21.19 12.22 -7.97
C GLU A 48 20.69 11.64 -6.65
N ARG A 49 19.38 11.62 -6.47
CA ARG A 49 18.78 11.14 -5.22
C ARG A 49 19.08 9.66 -5.00
N ILE A 50 18.91 8.85 -6.05
CA ILE A 50 19.00 7.40 -5.87
C ILE A 50 20.45 6.96 -5.71
N PHE A 51 21.37 7.54 -6.47
CA PHE A 51 22.79 7.22 -6.28
C PHE A 51 23.27 7.63 -4.89
N ARG A 52 22.88 8.81 -4.43
CA ARG A 52 23.35 9.26 -3.12
C ARG A 52 22.77 8.40 -1.99
N ASP A 53 21.53 7.92 -2.15
CA ASP A 53 20.98 6.97 -1.19
C ASP A 53 21.86 5.74 -1.06
N ASN A 54 22.62 5.42 -2.10
CA ASN A 54 23.45 4.22 -2.12
C ASN A 54 24.93 4.53 -2.01
N GLY A 55 25.27 5.72 -1.51
CA GLY A 55 26.65 6.04 -1.21
C GLY A 55 27.53 6.36 -2.41
N ILE A 56 26.93 6.71 -3.55
CA ILE A 56 27.67 7.03 -4.77
C ILE A 56 27.58 8.53 -5.01
N ASN A 57 28.73 9.20 -5.12
CA ASN A 57 28.74 10.63 -5.41
C ASN A 57 28.30 10.90 -6.85
N THR A 58 27.69 12.06 -7.07
CA THR A 58 27.25 12.46 -8.39
C THR A 58 27.62 13.92 -8.63
N ALA A 59 27.61 14.30 -9.90
CA ALA A 59 27.89 15.67 -10.32
C ALA A 59 27.07 15.96 -11.57
N LEU A 60 26.43 17.12 -11.60
CA LEU A 60 25.73 17.56 -12.80
C LEU A 60 26.73 18.22 -13.74
N VAL A 61 26.84 17.71 -14.97
CA VAL A 61 27.84 18.20 -15.90
C VAL A 61 27.16 18.70 -17.17
N LYS A 62 27.81 19.65 -17.84
CA LYS A 62 27.29 20.13 -19.11
C LYS A 62 27.56 19.14 -20.24
N ASN A 63 28.76 18.58 -20.27
CA ASN A 63 29.21 17.75 -21.38
C ASN A 63 29.68 16.40 -20.87
N ASN A 64 29.47 15.38 -21.71
CA ASN A 64 30.07 14.06 -21.51
C ASN A 64 29.67 13.44 -20.16
N ALA A 65 28.37 13.33 -19.98
CA ALA A 65 27.86 12.64 -18.81
C ALA A 65 28.16 11.14 -18.91
N ASP A 66 28.11 10.47 -17.76
CA ASP A 66 28.27 9.02 -17.75
C ASP A 66 26.98 8.31 -18.05
N ILE A 67 25.84 8.90 -17.68
CA ILE A 67 24.53 8.31 -17.90
C ILE A 67 23.89 8.99 -19.11
N ILE A 68 23.37 8.17 -20.02
CA ILE A 68 22.64 8.65 -21.19
C ILE A 68 21.19 8.21 -20.98
N PHE A 69 20.27 9.17 -20.99
CA PHE A 69 18.84 8.88 -20.88
C PHE A 69 18.26 8.90 -22.29
N THR A 70 17.53 7.84 -22.66
CA THR A 70 16.90 7.75 -23.97
C THR A 70 15.41 7.44 -23.80
N GLU A 71 14.62 7.82 -24.79
CA GLU A 71 13.17 7.65 -24.75
C GLU A 71 12.76 6.58 -25.75
N ASP A 72 11.96 5.62 -25.29
CA ASP A 72 11.42 4.56 -26.15
C ASP A 72 9.99 4.33 -25.70
N ALA A 73 9.03 4.81 -26.49
CA ALA A 73 7.62 4.72 -26.09
C ALA A 73 7.15 3.28 -25.97
N SER A 74 7.78 2.35 -26.69
CA SER A 74 7.38 0.95 -26.61
C SER A 74 7.64 0.34 -25.24
N LEU A 75 8.41 0.99 -24.39
CA LEU A 75 8.63 0.51 -23.04
C LEU A 75 7.48 0.86 -22.09
N GLY A 76 6.55 1.73 -22.52
CA GLY A 76 5.34 1.95 -21.74
C GLY A 76 5.56 2.73 -20.46
N ARG A 77 4.64 2.55 -19.52
CA ARG A 77 4.68 3.35 -18.29
C ARG A 77 5.81 2.94 -17.38
N GLU A 78 6.18 1.66 -17.34
CA GLU A 78 7.06 1.16 -16.30
C GLU A 78 8.23 0.32 -16.79
N GLY A 79 8.30 0.01 -18.09
CA GLY A 79 9.39 -0.78 -18.60
C GLY A 79 10.65 0.05 -18.79
N TYR A 80 11.79 -0.64 -18.86
CA TYR A 80 13.04 0.07 -19.07
C TYR A 80 14.06 -0.87 -19.71
N ARG A 81 15.12 -0.26 -20.22
CA ARG A 81 16.32 -0.97 -20.65
C ARG A 81 17.53 -0.36 -19.95
N LEU A 82 18.50 -1.21 -19.63
CA LEU A 82 19.77 -0.79 -19.07
C LEU A 82 20.87 -1.37 -19.93
N ALA A 83 21.86 -0.55 -20.28
CA ALA A 83 23.08 -1.01 -20.90
C ALA A 83 24.26 -0.37 -20.18
N VAL A 84 25.11 -1.21 -19.59
CA VAL A 84 26.30 -0.73 -18.88
C VAL A 84 27.52 -1.25 -19.60
N THR A 85 28.36 -0.33 -20.11
CA THR A 85 29.66 -0.65 -20.65
C THR A 85 30.70 0.18 -19.90
N PRO A 86 32.01 -0.04 -20.12
CA PRO A 86 33.00 0.85 -19.49
C PRO A 86 32.88 2.31 -19.90
N ASP A 87 32.23 2.60 -21.02
CA ASP A 87 32.15 3.96 -21.53
C ASP A 87 30.92 4.72 -21.05
N SER A 88 29.81 4.03 -20.83
CA SER A 88 28.59 4.76 -20.52
C SER A 88 27.58 3.82 -19.86
N ILE A 89 26.59 4.45 -19.24
CA ILE A 89 25.43 3.78 -18.66
C ILE A 89 24.23 4.34 -19.40
N SER A 90 23.57 3.51 -20.20
CA SER A 90 22.44 3.95 -21.01
C SER A 90 21.14 3.44 -20.41
N ILE A 91 20.17 4.33 -20.23
CA ILE A 91 18.88 4.01 -19.64
C ILE A 91 17.78 4.42 -20.61
N ALA A 92 17.00 3.46 -21.09
CA ALA A 92 15.85 3.73 -21.95
C ALA A 92 14.56 3.53 -21.17
N SER A 93 13.59 4.41 -21.38
CA SER A 93 12.28 4.23 -20.75
C SER A 93 11.23 4.95 -21.59
N GLY A 94 9.98 4.60 -21.32
CA GLY A 94 8.87 5.27 -21.97
C GLY A 94 8.22 6.32 -21.08
N SER A 95 8.65 6.40 -19.82
CA SER A 95 8.10 7.35 -18.88
CA SER A 95 8.11 7.36 -18.88
C SER A 95 9.11 7.53 -17.75
N VAL A 96 8.88 8.57 -16.93
CA VAL A 96 9.76 8.84 -15.80
C VAL A 96 9.89 7.63 -14.89
N ASN A 97 8.79 6.93 -14.63
CA ASN A 97 8.84 5.83 -13.67
C ASN A 97 9.71 4.68 -14.17
N GLY A 98 9.69 4.40 -15.48
CA GLY A 98 10.61 3.42 -16.02
C GLY A 98 12.06 3.77 -15.75
N THR A 99 12.39 5.06 -15.79
CA THR A 99 13.74 5.51 -15.49
C THR A 99 14.06 5.34 -14.00
N LEU A 100 13.11 5.66 -13.11
CA LEU A 100 13.30 5.40 -11.69
C LEU A 100 13.62 3.93 -11.44
N TYR A 101 12.90 3.04 -12.12
CA TYR A 101 13.11 1.61 -11.90
C TYR A 101 14.45 1.17 -12.47
N ALA A 102 14.86 1.73 -13.61
CA ALA A 102 16.19 1.42 -14.12
C ALA A 102 17.27 1.86 -13.13
N LEU A 103 17.10 3.04 -12.52
CA LEU A 103 18.08 3.54 -11.57
C LEU A 103 18.15 2.67 -10.32
N GLN A 104 17.00 2.19 -9.84
CA GLN A 104 17.01 1.32 -8.67
C GLN A 104 17.68 -0.01 -8.99
N SER A 105 17.42 -0.56 -10.19
CA SER A 105 18.14 -1.76 -10.60
C SER A 105 19.63 -1.51 -10.69
N LEU A 106 20.03 -0.34 -11.21
CA LEU A 106 21.44 -0.01 -11.33
C LEU A 106 22.14 -0.04 -9.98
N VAL A 107 21.56 0.64 -8.97
CA VAL A 107 22.24 0.72 -7.67
C VAL A 107 22.31 -0.65 -7.01
N GLN A 108 21.35 -1.53 -7.26
CA GLN A 108 21.41 -2.90 -6.75
C GLN A 108 22.28 -3.82 -7.60
N SER A 109 22.96 -3.27 -8.59
CA SER A 109 23.96 -3.99 -9.37
C SER A 109 25.38 -3.56 -9.01
N ILE A 110 25.52 -2.70 -8.01
CA ILE A 110 26.82 -2.21 -7.57
C ILE A 110 27.52 -3.32 -6.78
N ALA A 111 28.78 -3.56 -7.10
CA ALA A 111 29.60 -4.51 -6.36
C ALA A 111 31.01 -3.96 -6.28
N ALA A 112 31.80 -4.49 -5.35
CA ALA A 112 33.19 -4.07 -5.22
C ALA A 112 34.01 -4.62 -6.38
N ASP A 113 34.99 -3.84 -6.81
CA ASP A 113 35.91 -4.25 -7.86
C ASP A 113 37.10 -4.99 -7.25
N LYS A 114 38.15 -5.18 -8.04
CA LYS A 114 39.34 -5.86 -7.54
C LYS A 114 40.00 -5.10 -6.40
N ASN A 115 39.82 -3.78 -6.35
CA ASN A 115 40.43 -2.93 -5.33
C ASN A 115 39.49 -2.56 -4.21
N GLY A 116 38.26 -3.07 -4.22
CA GLY A 116 37.29 -2.74 -3.20
C GLY A 116 36.47 -1.50 -3.46
N ALA A 117 36.63 -0.84 -4.65
CA ALA A 117 35.85 0.34 -5.00
C ALA A 117 34.57 -0.09 -5.71
N PRO A 118 33.48 0.67 -5.57
CA PRO A 118 32.21 0.28 -6.19
C PRO A 118 32.30 0.32 -7.71
N ALA A 119 31.68 -0.67 -8.34
CA ALA A 119 31.68 -0.76 -9.80
C ALA A 119 30.40 -1.45 -10.24
N LEU A 120 30.09 -1.30 -11.52
CA LEU A 120 28.98 -2.00 -12.15
C LEU A 120 29.53 -2.99 -13.16
N PRO A 121 28.95 -4.19 -13.24
CA PRO A 121 29.42 -5.13 -14.27
C PRO A 121 28.95 -4.70 -15.65
N ARG A 122 29.64 -5.23 -16.66
CA ARG A 122 29.12 -5.17 -18.01
C ARG A 122 27.80 -5.94 -18.05
N MET A 123 26.71 -5.25 -18.39
CA MET A 123 25.41 -5.89 -18.26
C MET A 123 24.39 -5.21 -19.16
N ASP A 124 23.33 -5.96 -19.46
CA ASP A 124 22.18 -5.47 -20.21
C ASP A 124 20.92 -5.99 -19.55
N VAL A 125 19.93 -5.11 -19.37
CA VAL A 125 18.67 -5.48 -18.76
C VAL A 125 17.53 -4.97 -19.65
N LYS A 126 16.52 -5.81 -19.85
CA LYS A 126 15.24 -5.35 -20.38
C LYS A 126 14.16 -5.87 -19.45
N ASP A 127 13.36 -4.95 -18.91
CA ASP A 127 12.55 -5.31 -17.75
C ASP A 127 11.23 -4.55 -17.80
N GLN A 128 10.20 -5.20 -17.27
CA GLN A 128 8.86 -4.62 -17.18
C GLN A 128 8.09 -5.45 -16.16
N PRO A 129 7.09 -4.87 -15.50
CA PRO A 129 6.40 -5.60 -14.44
C PRO A 129 5.36 -6.57 -14.96
N ARG A 130 5.20 -7.69 -14.25
CA ARG A 130 4.12 -8.61 -14.54
C ARG A 130 2.75 -7.99 -14.25
N PHE A 131 2.62 -7.32 -13.10
CA PHE A 131 1.36 -6.75 -12.66
C PHE A 131 1.45 -5.23 -12.59
N SER A 132 0.35 -4.57 -12.94
CA SER A 132 0.31 -3.11 -12.91
C SER A 132 0.01 -2.54 -11.53
N TRP A 133 -0.62 -3.31 -10.62
CA TRP A 133 -0.89 -2.86 -9.26
C TRP A 133 0.08 -3.59 -8.33
N ARG A 134 0.99 -2.83 -7.72
CA ARG A 134 2.00 -3.40 -6.82
C ARG A 134 2.01 -2.50 -5.59
N GLY A 135 1.29 -2.92 -4.52
CA GLY A 135 0.88 -1.99 -3.49
C GLY A 135 1.23 -2.40 -2.07
N LEU A 136 1.23 -1.39 -1.19
CA LEU A 136 1.12 -1.53 0.24
C LEU A 136 -0.01 -0.63 0.73
N MET A 137 -0.72 -1.09 1.76
CA MET A 137 -1.76 -0.28 2.39
C MET A 137 -1.30 0.13 3.78
N VAL A 138 -1.29 1.44 4.02
CA VAL A 138 -1.01 2.00 5.33
C VAL A 138 -2.33 2.31 6.05
N ASP A 139 -2.47 1.78 7.26
CA ASP A 139 -3.60 2.06 8.15
C ASP A 139 -3.16 3.20 9.07
N SER A 140 -3.68 4.40 8.82
CA SER A 140 -3.40 5.58 9.65
C SER A 140 -4.43 5.81 10.73
N CYS A 141 -5.42 4.92 10.85
CA CYS A 141 -6.52 5.11 11.78
C CYS A 141 -6.30 4.43 13.12
N ARG A 142 -5.83 3.17 13.09
CA ARG A 142 -5.67 2.47 14.35
C ARG A 142 -4.51 3.08 15.13
N HIS A 143 -3.37 3.27 14.47
CA HIS A 143 -2.38 4.24 14.90
C HIS A 143 -2.00 5.08 13.70
N MET A 144 -1.61 6.32 13.95
CA MET A 144 -1.31 7.25 12.89
C MET A 144 0.20 7.43 12.76
N MET A 145 0.70 7.38 11.53
CA MET A 145 2.12 7.64 11.35
CA MET A 145 2.11 7.60 11.26
C MET A 145 2.33 9.02 10.75
N PRO A 146 3.31 9.75 11.27
CA PRO A 146 3.55 11.10 10.76
C PRO A 146 4.07 11.06 9.33
N VAL A 147 3.90 12.19 8.65
CA VAL A 147 4.37 12.35 7.26
C VAL A 147 5.84 11.96 7.15
N ARG A 148 6.66 12.40 8.11
CA ARG A 148 8.10 12.12 8.02
C ARG A 148 8.38 10.63 7.96
N ASP A 149 7.57 9.82 8.66
CA ASP A 149 7.75 8.37 8.61
C ASP A 149 7.16 7.77 7.34
N ILE A 150 6.02 8.29 6.88
CA ILE A 150 5.47 7.86 5.60
C ILE A 150 6.48 8.07 4.47
N LYS A 151 7.24 9.17 4.53
CA LYS A 151 8.23 9.42 3.48
C LYS A 151 9.32 8.37 3.48
N LYS A 152 9.75 7.90 4.66
CA LYS A 152 10.72 6.81 4.70
C LYS A 152 10.14 5.56 4.06
N VAL A 153 8.86 5.25 4.33
CA VAL A 153 8.19 4.12 3.71
C VAL A 153 8.18 4.27 2.19
N LEU A 154 7.85 5.47 1.71
CA LEU A 154 7.77 5.67 0.26
C LEU A 154 9.14 5.51 -0.41
N ASP A 155 10.22 5.94 0.26
CA ASP A 155 11.56 5.74 -0.31
C ASP A 155 11.84 4.27 -0.51
N LEU A 156 11.47 3.44 0.48
CA LEU A 156 11.72 2.00 0.36
C LEU A 156 10.78 1.35 -0.64
N MET A 157 9.55 1.86 -0.75
CA MET A 157 8.64 1.34 -1.77
C MET A 157 9.20 1.52 -3.18
N GLU A 158 9.73 2.71 -3.47
CA GLU A 158 10.32 2.95 -4.79
C GLU A 158 11.48 2.01 -5.04
N ARG A 159 12.31 1.77 -4.03
CA ARG A 159 13.48 0.93 -4.25
C ARG A 159 13.09 -0.46 -4.74
N TYR A 160 11.98 -1.00 -4.21
CA TYR A 160 11.52 -2.33 -4.57
C TYR A 160 10.41 -2.30 -5.62
N LYS A 161 10.21 -1.15 -6.26
CA LYS A 161 9.33 -0.97 -7.43
C LYS A 161 7.85 -1.12 -7.10
N PHE A 162 7.46 -0.91 -5.84
CA PHE A 162 6.04 -0.73 -5.55
C PHE A 162 5.56 0.58 -6.16
N ASN A 163 4.36 0.56 -6.75
CA ASN A 163 3.85 1.76 -7.39
C ASN A 163 2.54 2.29 -6.80
N THR A 164 2.03 1.68 -5.72
CA THR A 164 0.74 2.07 -5.19
C THR A 164 0.80 2.10 -3.67
N LEU A 165 0.42 3.24 -3.07
CA LEU A 165 0.19 3.36 -1.64
C LEU A 165 -1.32 3.52 -1.46
N HIS A 166 -1.96 2.50 -0.91
CA HIS A 166 -3.37 2.58 -0.54
C HIS A 166 -3.43 3.13 0.88
N TRP A 167 -4.06 4.29 1.05
CA TRP A 167 -4.01 5.02 2.31
C TRP A 167 -5.35 4.88 3.02
N HIS A 168 -5.36 4.06 4.06
CA HIS A 168 -6.58 3.76 4.83
C HIS A 168 -6.75 4.87 5.86
N LEU A 169 -7.59 5.84 5.53
CA LEU A 169 -7.64 7.13 6.20
C LEU A 169 -8.80 7.33 7.15
N THR A 170 -9.83 6.45 7.15
CA THR A 170 -10.96 6.58 8.07
C THR A 170 -11.39 5.21 8.59
N ASP A 171 -11.75 5.16 9.87
CA ASP A 171 -12.22 3.89 10.45
C ASP A 171 -13.00 4.20 11.73
N ASP A 172 -13.17 3.19 12.58
CA ASP A 172 -13.96 3.34 13.80
C ASP A 172 -13.22 4.10 14.88
N GLN A 173 -11.89 3.98 14.94
CA GLN A 173 -11.09 4.49 16.03
C GLN A 173 -10.40 5.80 15.68
N GLY A 174 -10.70 6.35 14.51
CA GLY A 174 -10.15 7.62 14.12
C GLY A 174 -10.44 7.93 12.67
N TRP A 175 -10.63 9.21 12.38
CA TRP A 175 -10.84 9.72 11.02
C TRP A 175 -9.72 10.72 10.79
N ARG A 176 -8.87 10.47 9.78
CA ARG A 176 -7.63 11.22 9.58
C ARG A 176 -7.66 12.17 8.39
N LEU A 177 -8.74 12.16 7.61
CA LEU A 177 -8.78 12.84 6.32
C LEU A 177 -9.40 14.22 6.49
N PRO A 178 -8.67 15.31 6.20
CA PRO A 178 -9.22 16.64 6.44
C PRO A 178 -10.30 16.99 5.42
N ILE A 179 -11.48 17.37 5.92
CA ILE A 179 -12.62 17.73 5.08
C ILE A 179 -13.10 19.10 5.57
N ALA A 180 -12.85 20.15 4.78
CA ALA A 180 -13.09 21.51 5.25
C ALA A 180 -14.57 21.73 5.56
N LYS A 181 -15.47 21.12 4.80
CA LYS A 181 -16.89 21.38 5.02
C LYS A 181 -17.40 20.75 6.31
N TYR A 182 -16.74 19.72 6.81
CA TYR A 182 -17.18 18.98 7.98
C TYR A 182 -16.02 18.89 8.96
N PRO A 183 -15.70 20.01 9.60
CA PRO A 183 -14.49 20.03 10.45
C PRO A 183 -14.53 19.05 11.60
N ARG A 184 -15.71 18.65 12.08
CA ARG A 184 -15.77 17.73 13.21
C ARG A 184 -15.24 16.35 12.86
N LEU A 185 -15.21 15.98 11.58
CA LEU A 185 -14.64 14.68 11.23
C LEU A 185 -13.25 14.51 11.81
N THR A 186 -12.46 15.58 11.80
CA THR A 186 -11.13 15.51 12.41
C THR A 186 -11.08 16.04 13.84
N THR A 187 -11.84 17.08 14.20
CA THR A 187 -11.72 17.60 15.57
C THR A 187 -12.36 16.68 16.59
N VAL A 188 -13.48 16.04 16.24
CA VAL A 188 -14.11 15.02 17.08
C VAL A 188 -13.73 13.62 16.62
N GLY A 189 -13.91 13.34 15.33
CA GLY A 189 -13.62 12.00 14.82
C GLY A 189 -12.14 11.65 14.80
N GLY A 190 -11.27 12.64 14.94
CA GLY A 190 -9.85 12.35 15.02
C GLY A 190 -9.35 11.96 16.39
N ALA A 191 -10.23 11.88 17.40
CA ALA A 191 -9.82 11.67 18.78
C ALA A 191 -10.61 10.52 19.40
N ARG A 192 -9.90 9.60 20.07
CA ARG A 192 -10.55 8.60 20.91
C ARG A 192 -10.06 8.77 22.34
N ALA A 193 -10.91 8.38 23.29
CA ALA A 193 -10.63 8.63 24.68
C ALA A 193 -9.54 7.72 25.23
N GLN A 194 -9.32 6.55 24.63
CA GLN A 194 -8.30 5.62 25.09
C GLN A 194 -8.09 4.58 24.01
N SER A 195 -7.07 3.74 24.21
CA SER A 195 -6.72 2.64 23.32
C SER A 195 -6.54 1.38 24.16
N PRO A 196 -6.59 0.20 23.54
CA PRO A 196 -6.34 -1.02 24.31
C PRO A 196 -4.93 -1.04 24.88
N VAL A 197 -4.79 -1.58 26.10
CA VAL A 197 -3.50 -1.65 26.74
C VAL A 197 -2.57 -2.57 25.96
N ILE A 198 -1.33 -2.13 25.77
CA ILE A 198 -0.36 -2.96 25.06
C ILE A 198 -0.02 -4.15 25.95
N GLY A 199 -0.23 -5.37 25.42
CA GLY A 199 -0.08 -6.58 26.20
C GLY A 199 -1.32 -7.01 26.94
N ASN A 200 -2.41 -6.23 26.89
CA ASN A 200 -3.64 -6.54 27.58
C ASN A 200 -4.79 -5.90 26.79
N ARG A 201 -5.00 -6.41 25.58
CA ARG A 201 -5.93 -5.81 24.62
C ARG A 201 -7.37 -5.73 25.13
N ASN A 202 -7.71 -6.47 26.18
CA ASN A 202 -9.08 -6.48 26.64
C ASN A 202 -9.38 -5.40 27.68
N LYS A 203 -8.42 -4.50 27.93
CA LYS A 203 -8.61 -3.39 28.84
C LYS A 203 -8.17 -2.10 28.16
N GLY A 204 -8.79 -0.98 28.57
CA GLY A 204 -8.42 0.32 28.04
C GLY A 204 -7.32 0.97 28.86
N ASP A 205 -6.52 1.79 28.17
CA ASP A 205 -5.37 2.44 28.79
C ASP A 205 -5.67 3.81 29.40
N GLY A 206 -6.88 4.33 29.21
CA GLY A 206 -7.25 5.62 29.77
C GLY A 206 -6.51 6.82 29.22
N ILE A 207 -5.83 6.68 28.08
CA ILE A 207 -4.97 7.71 27.51
CA ILE A 207 -4.99 7.72 27.51
C ILE A 207 -5.58 8.16 26.18
N PRO A 208 -6.03 9.41 26.04
CA PRO A 208 -6.57 9.86 24.76
C PRO A 208 -5.53 9.75 23.65
N TYR A 209 -6.01 9.38 22.46
CA TYR A 209 -5.16 9.25 21.28
C TYR A 209 -5.85 9.95 20.13
N SER A 210 -5.15 10.89 19.49
CA SER A 210 -5.78 11.73 18.47
C SER A 210 -4.78 12.08 17.39
N GLY A 211 -5.31 12.52 16.26
CA GLY A 211 -4.48 13.05 15.19
C GLY A 211 -5.23 13.07 13.87
N HIS A 212 -4.71 13.87 12.94
CA HIS A 212 -5.19 13.87 11.57
C HIS A 212 -4.11 14.51 10.71
N TYR A 213 -4.22 14.31 9.40
CA TYR A 213 -3.35 15.01 8.47
C TYR A 213 -4.01 16.30 8.02
N THR A 214 -3.21 17.37 7.93
CA THR A 214 -3.74 18.58 7.32
C THR A 214 -3.82 18.42 5.80
N ALA A 215 -4.58 19.31 5.16
CA ALA A 215 -4.70 19.26 3.71
C ALA A 215 -3.33 19.38 3.05
N ASP A 216 -2.48 20.27 3.55
CA ASP A 216 -1.15 20.39 2.96
C ASP A 216 -0.31 19.13 3.18
N GLU A 217 -0.51 18.42 4.29
CA GLU A 217 0.19 17.16 4.50
C GLU A 217 -0.27 16.07 3.54
N ILE A 218 -1.59 15.95 3.34
CA ILE A 218 -2.11 15.02 2.33
C ILE A 218 -1.44 15.29 1.00
N ARG A 219 -1.46 16.55 0.55
CA ARG A 219 -0.94 16.87 -0.77
C ARG A 219 0.57 16.66 -0.85
N ASP A 220 1.27 16.90 0.26
CA ASP A 220 2.72 16.68 0.28
C ASP A 220 3.04 15.19 0.13
N VAL A 221 2.33 14.33 0.86
CA VAL A 221 2.52 12.89 0.70
C VAL A 221 2.24 12.46 -0.74
N VAL A 222 1.14 12.97 -1.31
CA VAL A 222 0.79 12.59 -2.68
C VAL A 222 1.89 12.99 -3.66
N ARG A 223 2.44 14.19 -3.49
CA ARG A 223 3.45 14.69 -4.40
C ARG A 223 4.76 13.94 -4.23
N TYR A 224 5.17 13.74 -2.98
CA TYR A 224 6.41 13.01 -2.70
C TYR A 224 6.33 11.59 -3.25
N ALA A 225 5.18 10.96 -3.08
CA ALA A 225 4.98 9.62 -3.65
C ALA A 225 5.06 9.64 -5.17
N ARG A 226 4.41 10.61 -5.80
CA ARG A 226 4.40 10.67 -7.26
C ARG A 226 5.81 10.86 -7.81
N ASP A 227 6.64 11.65 -7.12
CA ASP A 227 8.03 11.84 -7.53
C ASP A 227 8.83 10.55 -7.43
N ARG A 228 8.32 9.56 -6.71
CA ARG A 228 8.94 8.25 -6.57
C ARG A 228 8.17 7.16 -7.31
N GLY A 229 7.34 7.55 -8.26
CA GLY A 229 6.62 6.61 -9.09
C GLY A 229 5.40 5.99 -8.45
N ILE A 230 4.95 6.52 -7.31
CA ILE A 230 3.91 5.87 -6.51
C ILE A 230 2.64 6.70 -6.57
N THR A 231 1.53 6.04 -6.92
CA THR A 231 0.20 6.64 -6.89
C THR A 231 -0.41 6.38 -5.52
N VAL A 232 -0.87 7.44 -4.85
CA VAL A 232 -1.56 7.28 -3.58
C VAL A 232 -3.05 7.18 -3.84
N ILE A 233 -3.66 6.10 -3.36
CA ILE A 233 -5.09 5.87 -3.53
CA ILE A 233 -5.09 5.83 -3.53
C ILE A 233 -5.75 6.00 -2.16
N PRO A 234 -6.70 6.91 -2.00
CA PRO A 234 -7.33 7.11 -0.69
C PRO A 234 -8.49 6.15 -0.47
N GLU A 235 -8.65 5.73 0.79
CA GLU A 235 -9.82 4.95 1.19
C GLU A 235 -10.60 5.71 2.25
N VAL A 236 -11.90 5.91 1.98
CA VAL A 236 -12.85 6.39 2.98
C VAL A 236 -13.84 5.26 3.23
N GLU A 237 -13.91 4.78 4.46
CA GLU A 237 -14.68 3.58 4.78
C GLU A 237 -16.17 3.86 4.83
N MET A 238 -16.95 3.01 4.14
CA MET A 238 -18.40 3.01 4.19
C MET A 238 -18.89 1.67 3.65
N PRO A 239 -20.10 1.23 4.02
CA PRO A 239 -21.00 1.86 4.99
C PRO A 239 -20.66 1.49 6.43
N GLY A 240 -19.74 0.53 6.63
CA GLY A 240 -19.26 0.18 7.93
C GLY A 240 -17.96 0.90 8.26
N HIS A 241 -17.35 0.49 9.38
CA HIS A 241 -16.10 1.10 9.83
C HIS A 241 -16.25 2.61 9.90
N ALA A 242 -17.44 3.04 10.35
CA ALA A 242 -17.88 4.42 10.24
C ALA A 242 -18.08 5.11 11.59
N SER A 243 -17.59 4.52 12.69
CA SER A 243 -17.95 5.05 14.00
C SER A 243 -17.42 6.45 14.23
N ALA A 244 -16.24 6.77 13.69
CA ALA A 244 -15.66 8.08 13.97
C ALA A 244 -16.46 9.18 13.26
N ALA A 245 -16.84 8.94 12.00
CA ALA A 245 -17.63 9.93 11.27
C ALA A 245 -18.99 10.12 11.92
N ILE A 246 -19.60 9.02 12.36
CA ILE A 246 -20.93 9.10 12.96
C ILE A 246 -20.87 9.76 14.33
N ALA A 247 -19.81 9.51 15.10
CA ALA A 247 -19.67 10.23 16.36
C ALA A 247 -19.58 11.74 16.11
N ALA A 248 -18.87 12.13 15.05
CA ALA A 248 -18.74 13.56 14.74
C ALA A 248 -20.08 14.15 14.32
N TYR A 249 -20.85 13.42 13.51
CA TYR A 249 -22.14 13.87 12.98
C TYR A 249 -23.14 12.74 13.16
N PRO A 250 -23.76 12.64 14.33
CA PRO A 250 -24.64 11.49 14.62
C PRO A 250 -25.80 11.34 13.65
N GLU A 251 -26.21 12.41 12.97
CA GLU A 251 -27.28 12.26 11.98
C GLU A 251 -26.88 11.38 10.80
N LEU A 252 -25.59 11.09 10.63
CA LEU A 252 -25.16 10.25 9.54
C LEU A 252 -25.38 8.76 9.80
N GLY A 253 -25.68 8.38 11.04
CA GLY A 253 -25.91 6.99 11.40
C GLY A 253 -27.39 6.66 11.51
N ASN A 254 -27.65 5.46 12.03
CA ASN A 254 -29.02 4.93 12.09
C ASN A 254 -29.68 5.38 13.39
N THR A 255 -30.10 6.65 13.40
CA THR A 255 -30.44 7.31 14.65
C THR A 255 -31.71 6.75 15.31
N ASP A 256 -32.51 5.98 14.56
CA ASP A 256 -33.79 5.50 15.08
C ASP A 256 -33.73 4.10 15.68
N ILE A 257 -32.52 3.57 15.92
CA ILE A 257 -32.42 2.24 16.52
C ILE A 257 -32.42 2.34 18.05
N PRO A 258 -32.80 1.29 18.76
CA PRO A 258 -32.68 1.32 20.22
C PRO A 258 -31.24 1.44 20.65
N GLY A 259 -31.01 2.24 21.69
CA GLY A 259 -29.69 2.33 22.28
C GLY A 259 -28.66 3.05 21.43
N TYR A 260 -29.10 3.92 20.54
CA TYR A 260 -28.19 4.62 19.63
C TYR A 260 -27.23 5.51 20.42
N GLU A 261 -25.94 5.16 20.40
CA GLU A 261 -24.92 5.92 21.15
CA GLU A 261 -24.93 5.91 21.14
C GLU A 261 -23.61 5.84 20.40
N PRO A 262 -23.47 6.59 19.31
CA PRO A 262 -22.21 6.54 18.55
C PRO A 262 -21.07 7.20 19.29
N ARG A 263 -19.86 6.67 19.08
CA ARG A 263 -18.66 7.19 19.70
CA ARG A 263 -18.66 7.23 19.68
C ARG A 263 -17.47 6.79 18.86
N VAL A 264 -16.39 7.56 18.95
CA VAL A 264 -15.13 7.11 18.37
C VAL A 264 -14.66 5.91 19.19
N GLN A 265 -14.45 4.78 18.52
CA GLN A 265 -14.27 3.54 19.23
C GLN A 265 -12.87 3.43 19.83
N GLU A 266 -12.81 2.73 20.95
CA GLU A 266 -11.60 2.57 21.74
C GLU A 266 -11.07 1.15 21.70
N THR A 267 -11.74 0.26 20.98
CA THR A 267 -11.42 -1.15 20.97
C THR A 267 -11.28 -1.62 19.52
N TRP A 268 -10.54 -2.69 19.35
CA TRP A 268 -10.30 -3.24 18.02
C TRP A 268 -11.42 -4.21 17.63
N GLY A 269 -11.45 -4.55 16.35
CA GLY A 269 -12.41 -5.52 15.85
C GLY A 269 -13.55 -4.84 15.08
N VAL A 270 -14.61 -5.62 14.87
CA VAL A 270 -15.74 -5.17 14.08
C VAL A 270 -16.70 -4.39 14.97
N HIS A 271 -17.16 -3.24 14.48
CA HIS A 271 -18.12 -2.40 15.19
C HIS A 271 -19.40 -2.31 14.38
N SER A 272 -20.48 -1.94 15.06
CA SER A 272 -21.83 -2.07 14.51
CA SER A 272 -21.83 -2.07 14.51
C SER A 272 -22.38 -0.78 13.90
N TYR A 273 -21.70 0.36 14.06
CA TYR A 273 -22.24 1.64 13.61
C TYR A 273 -21.99 1.84 12.12
N THR A 274 -23.05 1.78 11.33
CA THR A 274 -22.99 1.93 9.89
C THR A 274 -23.70 3.22 9.49
N PHE A 275 -23.34 3.76 8.32
CA PHE A 275 -24.03 4.93 7.80
C PHE A 275 -25.47 4.58 7.44
N SER A 276 -26.38 5.53 7.66
CA SER A 276 -27.75 5.34 7.21
C SER A 276 -27.83 5.53 5.71
N PRO A 277 -28.72 4.76 5.02
CA PRO A 277 -28.83 4.84 3.56
C PRO A 277 -29.81 5.90 3.10
N THR A 278 -29.60 7.13 3.57
CA THR A 278 -30.53 8.23 3.42
C THR A 278 -29.98 9.28 2.46
N GLU A 279 -30.88 10.12 1.95
CA GLU A 279 -30.47 11.19 1.05
C GLU A 279 -29.45 12.12 1.71
N LYS A 280 -29.65 12.42 3.01
CA LYS A 280 -28.71 13.29 3.71
C LYS A 280 -27.34 12.65 3.79
N THR A 281 -27.27 11.36 4.12
CA THR A 281 -25.97 10.71 4.19
C THR A 281 -25.32 10.65 2.82
N PHE A 282 -26.09 10.39 1.77
CA PHE A 282 -25.50 10.36 0.44
C PHE A 282 -24.98 11.73 0.01
N ARG A 283 -25.67 12.81 0.40
CA ARG A 283 -25.14 14.14 0.10
C ARG A 283 -23.86 14.44 0.87
N PHE A 284 -23.78 13.99 2.13
CA PHE A 284 -22.54 14.13 2.88
C PHE A 284 -21.40 13.38 2.18
N LEU A 285 -21.67 12.15 1.74
CA LEU A 285 -20.63 11.36 1.09
C LEU A 285 -20.20 11.99 -0.22
N GLU A 286 -21.15 12.58 -0.96
CA GLU A 286 -20.80 13.27 -2.19
C GLU A 286 -19.92 14.47 -1.90
N ASP A 287 -20.23 15.21 -0.82
CA ASP A 287 -19.39 16.34 -0.43
C ASP A 287 -17.99 15.87 -0.07
N VAL A 288 -17.88 14.76 0.66
CA VAL A 288 -16.58 14.22 1.04
C VAL A 288 -15.82 13.75 -0.17
N ILE A 289 -16.50 13.06 -1.10
CA ILE A 289 -15.86 12.60 -2.32
C ILE A 289 -15.35 13.77 -3.16
N ASP A 290 -16.12 14.86 -3.20
CA ASP A 290 -15.65 16.05 -3.91
CA ASP A 290 -15.66 16.05 -3.90
C ASP A 290 -14.32 16.54 -3.34
N GLU A 291 -14.20 16.60 -2.01
CA GLU A 291 -12.95 17.06 -1.42
C GLU A 291 -11.83 16.04 -1.60
N ILE A 292 -12.17 14.74 -1.57
CA ILE A 292 -11.17 13.72 -1.87
C ILE A 292 -10.60 13.92 -3.26
N CYS A 293 -11.46 14.21 -4.25
CA CYS A 293 -11.00 14.44 -5.61
C CYS A 293 -10.09 15.66 -5.70
N ALA A 294 -10.32 16.68 -4.87
CA ALA A 294 -9.44 17.84 -4.86
C ALA A 294 -8.08 17.52 -4.24
N LEU A 295 -8.05 16.60 -3.27
CA LEU A 295 -6.82 16.24 -2.56
C LEU A 295 -6.01 15.19 -3.33
N PHE A 296 -6.69 14.34 -4.09
CA PHE A 296 -6.06 13.25 -4.84
C PHE A 296 -6.47 13.36 -6.32
N PRO A 297 -6.12 14.46 -6.99
CA PRO A 297 -6.67 14.69 -8.33
C PRO A 297 -6.22 13.67 -9.36
N ASP A 298 -5.06 13.05 -9.17
CA ASP A 298 -4.52 12.12 -10.13
C ASP A 298 -4.80 10.67 -9.77
N SER A 299 -5.44 10.40 -8.64
CA SER A 299 -5.73 9.02 -8.30
C SER A 299 -6.78 8.45 -9.24
N PRO A 300 -6.53 7.32 -9.91
CA PRO A 300 -7.56 6.75 -10.79
C PRO A 300 -8.72 6.14 -10.02
N TYR A 301 -8.53 5.85 -8.73
CA TYR A 301 -9.53 5.15 -7.93
C TYR A 301 -9.84 5.93 -6.66
N ILE A 302 -11.04 5.74 -6.15
CA ILE A 302 -11.35 6.01 -4.76
C ILE A 302 -11.79 4.68 -4.16
N HIS A 303 -11.12 4.29 -3.07
CA HIS A 303 -11.49 3.08 -2.33
C HIS A 303 -12.55 3.48 -1.31
N ILE A 304 -13.70 2.80 -1.35
CA ILE A 304 -14.81 3.12 -0.45
C ILE A 304 -14.90 2.16 0.73
N GLY A 305 -13.90 1.31 0.92
CA GLY A 305 -14.02 0.29 1.95
C GLY A 305 -15.03 -0.76 1.58
N GLY A 306 -16.08 -0.90 2.40
CA GLY A 306 -17.17 -1.82 2.15
C GLY A 306 -17.10 -3.09 2.95
N ASP A 307 -16.04 -3.30 3.74
CA ASP A 307 -15.89 -4.54 4.50
C ASP A 307 -16.64 -4.47 5.83
N GLU A 308 -17.04 -5.65 6.31
CA GLU A 308 -17.42 -5.82 7.72
C GLU A 308 -18.49 -4.82 8.17
N ALA A 309 -19.51 -4.64 7.35
CA ALA A 309 -20.60 -3.76 7.75
C ALA A 309 -21.75 -4.62 8.25
N PRO A 310 -21.90 -4.84 9.55
CA PRO A 310 -22.98 -5.72 10.01
C PRO A 310 -24.32 -5.12 9.66
N LYS A 311 -25.27 -5.99 9.31
CA LYS A 311 -26.57 -5.52 8.83
C LYS A 311 -27.56 -5.23 9.96
N ASN A 312 -27.20 -5.53 11.21
CA ASN A 312 -28.18 -5.47 12.29
C ASN A 312 -28.77 -4.07 12.48
N GLN A 313 -27.95 -3.02 12.44
CA GLN A 313 -28.53 -1.69 12.65
C GLN A 313 -29.53 -1.34 11.57
N TRP A 314 -29.23 -1.69 10.32
CA TRP A 314 -30.21 -1.47 9.25
C TRP A 314 -31.47 -2.28 9.48
N LYS A 315 -31.33 -3.53 9.96
CA LYS A 315 -32.50 -4.34 10.27
C LYS A 315 -33.38 -3.67 11.31
N GLN A 316 -32.75 -3.02 12.29
CA GLN A 316 -33.44 -2.41 13.42
C GLN A 316 -33.88 -0.97 13.15
N SER A 317 -33.66 -0.45 11.95
CA SER A 317 -33.94 0.95 11.64
C SER A 317 -35.13 1.09 10.73
N PRO A 318 -36.26 1.61 11.21
CA PRO A 318 -37.39 1.86 10.28
C PRO A 318 -37.01 2.73 9.10
N THR A 319 -36.11 3.70 9.29
CA THR A 319 -35.66 4.53 8.18
C THR A 319 -35.04 3.67 7.08
N ALA A 320 -34.14 2.77 7.47
CA ALA A 320 -33.50 1.92 6.48
C ALA A 320 -34.48 0.96 5.83
N GLN A 321 -35.41 0.41 6.62
CA GLN A 321 -36.44 -0.47 6.06
C GLN A 321 -37.30 0.25 5.04
N ARG A 322 -37.61 1.53 5.27
CA ARG A 322 -38.40 2.29 4.31
C ARG A 322 -37.61 2.57 3.03
N VAL A 323 -36.32 2.90 3.15
CA VAL A 323 -35.47 3.01 1.96
C VAL A 323 -35.50 1.73 1.14
N MET A 324 -35.43 0.57 1.83
CA MET A 324 -35.49 -0.71 1.12
C MET A 324 -36.80 -0.87 0.36
N LYS A 325 -37.93 -0.56 1.01
CA LYS A 325 -39.22 -0.66 0.33
C LYS A 325 -39.33 0.32 -0.83
N ASP A 326 -38.88 1.56 -0.63
CA ASP A 326 -38.89 2.56 -1.69
C ASP A 326 -38.19 2.04 -2.94
N ASN A 327 -37.10 1.29 -2.76
CA ASN A 327 -36.22 0.95 -3.86
C ASN A 327 -36.30 -0.52 -4.27
N GLY A 328 -37.32 -1.22 -3.80
CA GLY A 328 -37.51 -2.62 -4.18
C GLY A 328 -36.38 -3.54 -3.75
N LEU A 329 -35.81 -3.29 -2.58
CA LEU A 329 -34.68 -4.07 -2.09
C LEU A 329 -35.21 -5.09 -1.10
N ALA A 330 -34.90 -6.37 -1.35
CA ALA A 330 -35.53 -7.43 -0.57
C ALA A 330 -34.89 -7.66 0.79
N ASN A 331 -33.64 -7.23 0.99
CA ASN A 331 -32.91 -7.54 2.21
C ASN A 331 -31.76 -6.54 2.36
N GLU A 332 -31.05 -6.64 3.49
CA GLU A 332 -30.00 -5.68 3.79
C GLU A 332 -28.73 -5.89 2.97
N HIS A 333 -28.55 -7.06 2.37
CA HIS A 333 -27.45 -7.20 1.40
C HIS A 333 -27.75 -6.41 0.14
N GLU A 334 -28.99 -6.46 -0.35
CA GLU A 334 -29.37 -5.61 -1.48
C GLU A 334 -29.31 -4.14 -1.10
N LEU A 335 -29.60 -3.82 0.16
CA LEU A 335 -29.41 -2.45 0.63
C LEU A 335 -27.94 -2.04 0.54
N GLN A 336 -27.02 -2.93 0.91
CA GLN A 336 -25.61 -2.56 0.78
C GLN A 336 -25.21 -2.36 -0.67
N SER A 337 -25.67 -3.26 -1.56
CA SER A 337 -25.36 -3.11 -2.97
C SER A 337 -25.88 -1.77 -3.50
N TYR A 338 -27.08 -1.38 -3.07
CA TYR A 338 -27.66 -0.11 -3.46
C TYR A 338 -26.81 1.06 -2.98
N PHE A 339 -26.38 1.01 -1.73
CA PHE A 339 -25.50 2.03 -1.16
C PHE A 339 -24.24 2.19 -2.01
N ILE A 340 -23.58 1.08 -2.32
CA ILE A 340 -22.34 1.13 -3.12
CA ILE A 340 -22.35 1.15 -3.11
C ILE A 340 -22.63 1.69 -4.51
N ARG A 341 -23.75 1.31 -5.11
CA ARG A 341 -24.10 1.79 -6.45
C ARG A 341 -24.25 3.31 -6.45
N ARG A 342 -24.86 3.86 -5.42
CA ARG A 342 -25.06 5.31 -5.39
C ARG A 342 -23.74 6.04 -5.20
N VAL A 343 -22.84 5.50 -4.37
CA VAL A 343 -21.54 6.12 -4.20
C VAL A 343 -20.69 5.96 -5.46
N GLU A 344 -20.83 4.82 -6.16
CA GLU A 344 -20.07 4.64 -7.39
C GLU A 344 -20.41 5.71 -8.42
N LYS A 345 -21.68 6.13 -8.47
CA LYS A 345 -22.04 7.17 -9.42
C LYS A 345 -21.33 8.48 -9.08
N MET A 346 -21.19 8.79 -7.79
CA MET A 346 -20.49 10.01 -7.37
C MET A 346 -19.04 9.97 -7.84
N ILE A 347 -18.39 8.81 -7.69
CA ILE A 347 -17.00 8.67 -8.06
C ILE A 347 -16.84 8.72 -9.58
N ASN A 348 -17.71 8.02 -10.32
CA ASN A 348 -17.66 8.03 -11.78
C ASN A 348 -17.91 9.42 -12.33
N ASN A 349 -18.81 10.18 -11.70
CA ASN A 349 -19.10 11.52 -12.20
C ASN A 349 -17.91 12.44 -12.07
N ARG A 350 -16.94 12.09 -11.23
CA ARG A 350 -15.70 12.83 -11.14
C ARG A 350 -14.56 12.17 -11.91
N GLY A 351 -14.89 11.21 -12.78
CA GLY A 351 -13.88 10.63 -13.65
C GLY A 351 -12.97 9.62 -13.01
N LYS A 352 -13.37 9.02 -11.89
CA LYS A 352 -12.57 8.01 -11.22
C LYS A 352 -13.34 6.70 -11.14
N ARG A 353 -12.65 5.65 -10.69
CA ARG A 353 -13.23 4.31 -10.58
C ARG A 353 -13.38 3.95 -9.10
N LEU A 354 -14.42 3.18 -8.79
CA LEU A 354 -14.64 2.67 -7.43
C LEU A 354 -13.88 1.38 -7.22
N ILE A 355 -13.22 1.28 -6.08
CA ILE A 355 -12.68 0.01 -5.61
C ILE A 355 -13.19 -0.23 -4.20
N GLY A 356 -13.47 -1.49 -3.87
CA GLY A 356 -13.91 -1.84 -2.53
C GLY A 356 -13.46 -3.22 -2.13
N TRP A 357 -13.48 -3.46 -0.81
CA TRP A 357 -13.19 -4.79 -0.27
C TRP A 357 -14.22 -5.79 -0.78
N ASP A 358 -13.85 -7.08 -0.78
CA ASP A 358 -14.67 -8.11 -1.44
C ASP A 358 -16.08 -8.28 -0.88
N GLU A 359 -16.40 -7.71 0.29
CA GLU A 359 -17.80 -7.71 0.72
C GLU A 359 -18.70 -6.94 -0.24
N ILE A 360 -18.16 -6.15 -1.17
CA ILE A 360 -19.03 -5.36 -2.04
C ILE A 360 -19.86 -6.19 -3.01
N GLN A 361 -19.59 -7.50 -3.14
CA GLN A 361 -20.47 -8.32 -3.96
C GLN A 361 -21.80 -8.64 -3.28
N GLU A 362 -21.95 -8.36 -1.98
CA GLU A 362 -23.19 -8.67 -1.28
C GLU A 362 -24.36 -7.95 -1.94
N GLY A 363 -25.42 -8.69 -2.23
CA GLY A 363 -26.59 -8.10 -2.87
C GLY A 363 -26.43 -7.78 -4.34
N GLY A 364 -25.29 -8.13 -4.94
CA GLY A 364 -25.05 -7.87 -6.35
C GLY A 364 -23.80 -7.04 -6.55
N LEU A 365 -22.84 -7.56 -7.31
CA LEU A 365 -21.60 -6.83 -7.57
C LEU A 365 -21.79 -5.94 -8.78
N SER A 366 -21.54 -4.65 -8.60
CA SER A 366 -21.62 -3.72 -9.71
C SER A 366 -20.70 -4.19 -10.84
N PRO A 367 -21.15 -4.18 -12.09
CA PRO A 367 -20.27 -4.66 -13.18
C PRO A 367 -19.06 -3.78 -13.41
N THR A 368 -19.05 -2.55 -12.88
CA THR A 368 -17.95 -1.63 -13.12
C THR A 368 -17.02 -1.49 -11.92
N ALA A 369 -17.38 -2.06 -10.77
CA ALA A 369 -16.57 -1.93 -9.57
C ALA A 369 -15.31 -2.78 -9.70
N THR A 370 -14.26 -2.35 -8.99
CA THR A 370 -13.04 -3.14 -8.85
C THR A 370 -13.02 -3.69 -7.44
N MET A 371 -12.66 -4.96 -7.29
CA MET A 371 -12.75 -5.66 -6.02
C MET A 371 -11.36 -5.93 -5.45
N MET A 372 -11.16 -5.52 -4.20
CA MET A 372 -9.94 -5.86 -3.48
C MET A 372 -10.21 -7.14 -2.68
N VAL A 373 -9.61 -8.24 -3.09
CA VAL A 373 -9.91 -9.57 -2.56
C VAL A 373 -9.04 -9.83 -1.35
N TRP A 374 -9.67 -10.06 -0.19
CA TRP A 374 -8.92 -10.25 1.05
C TRP A 374 -9.31 -11.50 1.82
N ARG A 375 -10.56 -11.97 1.69
CA ARG A 375 -11.01 -13.12 2.47
C ARG A 375 -10.66 -14.40 1.72
N SER A 376 -9.45 -14.89 1.94
CA SER A 376 -8.98 -16.10 1.27
C SER A 376 -9.78 -17.33 1.64
N GLN A 377 -10.49 -17.30 2.76
CA GLN A 377 -11.34 -18.41 3.17
C GLN A 377 -12.61 -18.52 2.34
N MET A 378 -12.87 -17.58 1.42
CA MET A 378 -14.00 -17.61 0.51
C MET A 378 -13.50 -17.53 -0.93
N PRO A 379 -12.83 -18.56 -1.43
CA PRO A 379 -12.27 -18.49 -2.79
C PRO A 379 -13.30 -18.28 -3.90
N HIS A 380 -14.56 -18.64 -3.67
CA HIS A 380 -15.56 -18.43 -4.72
C HIS A 380 -15.79 -16.96 -5.02
N ILE A 381 -15.47 -16.05 -4.10
CA ILE A 381 -15.78 -14.64 -4.32
C ILE A 381 -14.94 -14.08 -5.46
N ALA A 382 -13.62 -14.30 -5.42
CA ALA A 382 -12.78 -13.82 -6.51
C ALA A 382 -13.13 -14.50 -7.82
N ALA A 383 -13.42 -15.80 -7.77
CA ALA A 383 -13.76 -16.52 -8.99
C ALA A 383 -15.01 -15.95 -9.64
N GLN A 384 -16.03 -15.63 -8.84
CA GLN A 384 -17.26 -15.06 -9.38
C GLN A 384 -17.02 -13.66 -9.93
N ALA A 385 -16.25 -12.84 -9.20
CA ALA A 385 -15.96 -11.50 -9.68
C ALA A 385 -15.26 -11.54 -11.03
N LEU A 386 -14.27 -12.42 -11.18
CA LEU A 386 -13.59 -12.54 -12.46
C LEU A 386 -14.55 -13.00 -13.55
N ALA A 387 -15.39 -13.99 -13.24
CA ALA A 387 -16.30 -14.51 -14.24
C ALA A 387 -17.29 -13.46 -14.71
N GLN A 388 -17.62 -12.48 -13.86
CA GLN A 388 -18.54 -11.41 -14.23
C GLN A 388 -17.85 -10.26 -14.95
N GLY A 389 -16.55 -10.36 -15.19
CA GLY A 389 -15.80 -9.38 -15.95
C GLY A 389 -15.09 -8.32 -15.13
N ASN A 390 -15.17 -8.38 -13.80
CA ASN A 390 -14.65 -7.31 -12.94
C ASN A 390 -13.14 -7.43 -12.75
N ASP A 391 -12.49 -6.27 -12.64
CA ASP A 391 -11.09 -6.24 -12.23
C ASP A 391 -10.98 -6.50 -10.74
N ILE A 392 -9.88 -7.15 -10.35
CA ILE A 392 -9.60 -7.46 -8.95
C ILE A 392 -8.16 -7.09 -8.59
N VAL A 393 -7.95 -6.83 -7.31
CA VAL A 393 -6.63 -6.66 -6.72
C VAL A 393 -6.52 -7.67 -5.60
N MET A 394 -5.45 -8.46 -5.61
CA MET A 394 -5.28 -9.54 -4.63
C MET A 394 -4.55 -9.03 -3.39
N THR A 395 -5.26 -8.94 -2.26
CA THR A 395 -4.66 -8.70 -0.94
C THR A 395 -5.06 -9.83 0.01
N PRO A 396 -4.67 -11.07 -0.30
CA PRO A 396 -5.20 -12.21 0.45
C PRO A 396 -4.72 -12.24 1.90
N ASN A 397 -5.67 -12.44 2.83
CA ASN A 397 -5.29 -12.67 4.21
C ASN A 397 -4.51 -13.96 4.41
N SER A 398 -4.47 -14.84 3.41
CA SER A 398 -3.66 -16.05 3.54
C SER A 398 -2.16 -15.75 3.42
N HIS A 399 -1.78 -14.62 2.82
CA HIS A 399 -0.39 -14.36 2.49
C HIS A 399 0.07 -12.93 2.74
N LEU A 400 -0.82 -11.93 2.63
CA LEU A 400 -0.36 -10.55 2.52
C LEU A 400 -0.94 -9.66 3.61
N TYR A 401 -1.39 -10.25 4.72
CA TYR A 401 -1.83 -9.49 5.88
C TYR A 401 -0.60 -9.30 6.76
N PHE A 402 0.10 -8.17 6.59
CA PHE A 402 1.36 -7.97 7.28
C PHE A 402 1.20 -7.51 8.72
N ASP A 403 -0.03 -7.38 9.22
CA ASP A 403 -0.22 -7.33 10.66
C ASP A 403 -0.01 -8.69 11.32
N TYR A 404 -0.01 -9.77 10.53
CA TYR A 404 0.13 -11.09 11.12
C TYR A 404 1.57 -11.36 11.52
N ASP A 405 1.74 -12.38 12.36
CA ASP A 405 3.06 -12.71 12.88
C ASP A 405 3.92 -13.32 11.76
N GLN A 406 5.20 -13.51 12.09
CA GLN A 406 6.16 -14.12 11.18
C GLN A 406 6.76 -15.35 11.86
N GLY A 407 7.88 -15.85 11.34
CA GLY A 407 8.50 -17.01 11.91
C GLY A 407 9.13 -16.72 13.25
N PRO A 408 9.79 -17.72 13.82
CA PRO A 408 10.35 -17.59 15.16
C PRO A 408 11.43 -16.52 15.26
N GLY A 409 11.75 -16.17 16.50
CA GLY A 409 12.83 -15.27 16.80
C GLY A 409 12.43 -13.93 17.35
N LYS A 410 11.14 -13.58 17.39
CA LYS A 410 10.76 -12.26 17.84
C LYS A 410 10.91 -12.15 19.34
N PRO A 411 11.04 -10.93 19.86
CA PRO A 411 11.06 -10.75 21.31
C PRO A 411 9.71 -11.12 21.92
N ALA A 412 9.78 -11.68 23.14
CA ALA A 412 8.58 -12.03 23.88
C ALA A 412 7.89 -10.81 24.51
N ALA A 413 8.56 -9.67 24.55
CA ALA A 413 8.02 -8.49 25.21
C ALA A 413 6.66 -8.11 24.61
N PRO A 414 5.75 -7.58 25.44
CA PRO A 414 4.42 -7.22 24.94
C PRO A 414 4.45 -6.22 23.80
N GLU A 415 5.51 -5.40 23.71
CA GLU A 415 5.58 -4.43 22.63
C GLU A 415 5.62 -5.08 21.25
N TYR A 416 6.07 -6.34 21.17
CA TYR A 416 6.10 -7.07 19.91
C TYR A 416 4.90 -7.99 19.71
N GLU A 417 3.87 -7.89 20.54
CA GLU A 417 2.67 -8.72 20.36
C GLU A 417 2.00 -8.40 19.03
N THR A 418 1.32 -9.40 18.46
CA THR A 418 0.60 -9.22 17.21
C THR A 418 -0.86 -9.65 17.40
N ILE A 419 -1.67 -9.38 16.37
CA ILE A 419 -3.10 -9.69 16.44
C ILE A 419 -3.33 -11.18 16.67
N ASN A 420 -2.54 -12.04 16.04
CA ASN A 420 -2.72 -13.47 16.15
C ASN A 420 -1.36 -14.15 16.04
N ASN A 421 -1.36 -15.48 16.16
CA ASN A 421 -0.12 -16.26 16.07
C ASN A 421 0.05 -16.94 14.71
N ASN A 422 -0.63 -16.45 13.66
CA ASN A 422 -0.40 -16.94 12.31
C ASN A 422 1.00 -16.54 11.87
N GLN A 423 1.79 -17.50 11.45
CA GLN A 423 3.14 -17.23 10.97
C GLN A 423 3.11 -17.13 9.44
N LEU A 424 3.20 -15.91 8.94
CA LEU A 424 3.27 -15.62 7.50
C LEU A 424 4.72 -15.19 7.29
N THR A 425 5.58 -16.15 6.93
CA THR A 425 6.99 -15.86 6.76
C THR A 425 7.24 -15.25 5.38
N TRP A 426 8.44 -14.68 5.20
CA TRP A 426 8.80 -14.18 3.88
C TRP A 426 8.78 -15.32 2.84
N GLN A 427 9.16 -16.53 3.25
CA GLN A 427 9.09 -17.66 2.33
C GLN A 427 7.66 -17.92 1.88
N HIS A 428 6.71 -17.88 2.82
CA HIS A 428 5.30 -18.05 2.47
CA HIS A 428 5.31 -18.05 2.48
C HIS A 428 4.85 -16.99 1.48
N VAL A 429 5.18 -15.72 1.76
CA VAL A 429 4.84 -14.63 0.85
C VAL A 429 5.43 -14.88 -0.54
N TYR A 430 6.68 -15.33 -0.59
CA TYR A 430 7.36 -15.54 -1.87
C TYR A 430 6.66 -16.60 -2.72
N GLY A 431 6.01 -17.58 -2.09
CA GLY A 431 5.32 -18.60 -2.85
C GLY A 431 3.92 -18.25 -3.29
N LEU A 432 3.43 -17.05 -2.96
CA LEU A 432 2.13 -16.63 -3.45
C LEU A 432 2.13 -16.55 -4.97
N GLU A 433 1.05 -17.04 -5.58
CA GLU A 433 0.76 -16.79 -7.00
C GLU A 433 -0.57 -16.04 -7.07
N PRO A 434 -0.58 -14.78 -7.50
CA PRO A 434 -1.80 -13.97 -7.36
C PRO A 434 -2.96 -14.40 -8.24
N VAL A 435 -2.71 -14.96 -9.42
CA VAL A 435 -3.82 -15.31 -10.33
C VAL A 435 -4.52 -16.56 -9.81
N PRO A 436 -5.81 -16.51 -9.50
CA PRO A 436 -6.49 -17.71 -8.97
C PRO A 436 -6.37 -18.87 -9.95
N GLN A 437 -6.25 -20.08 -9.40
CA GLN A 437 -6.15 -21.27 -10.23
C GLN A 437 -7.40 -21.43 -11.09
N GLY A 438 -7.19 -21.78 -12.35
CA GLY A 438 -8.29 -21.99 -13.28
C GLY A 438 -8.85 -20.73 -13.90
N THR A 439 -8.25 -19.57 -13.65
CA THR A 439 -8.69 -18.35 -14.31
C THR A 439 -8.47 -18.49 -15.81
N PRO A 440 -9.49 -18.22 -16.64
CA PRO A 440 -9.28 -18.26 -18.09
C PRO A 440 -8.17 -17.32 -18.51
N ARG A 441 -7.36 -17.75 -19.47
CA ARG A 441 -6.24 -16.93 -19.93
CA ARG A 441 -6.23 -16.92 -19.92
C ARG A 441 -6.70 -15.53 -20.32
N GLU A 442 -7.83 -15.43 -21.01
CA GLU A 442 -8.31 -14.12 -21.45
C GLU A 442 -8.79 -13.25 -20.31
N ARG A 443 -8.93 -13.79 -19.10
CA ARG A 443 -9.34 -13.02 -17.93
C ARG A 443 -8.18 -12.67 -17.01
N GLU A 444 -6.96 -13.11 -17.35
CA GLU A 444 -5.81 -12.81 -16.50
C GLU A 444 -5.56 -11.31 -16.42
N LYS A 445 -5.91 -10.56 -17.48
CA LYS A 445 -5.73 -9.11 -17.44
C LYS A 445 -6.64 -8.43 -16.41
N GLN A 446 -7.67 -9.12 -15.92
CA GLN A 446 -8.50 -8.56 -14.87
C GLN A 446 -7.85 -8.63 -13.50
N VAL A 447 -6.80 -9.43 -13.33
CA VAL A 447 -6.06 -9.49 -12.07
C VAL A 447 -5.03 -8.38 -12.16
N LEU A 448 -5.37 -7.21 -11.61
CA LEU A 448 -4.52 -6.04 -11.74
C LEU A 448 -3.19 -6.22 -11.04
N GLY A 449 -3.17 -6.94 -9.93
CA GLY A 449 -1.94 -7.17 -9.20
C GLY A 449 -2.24 -7.56 -7.76
N CYS A 450 -1.34 -7.16 -6.87
CA CYS A 450 -1.40 -7.63 -5.49
C CYS A 450 -0.81 -6.56 -4.58
N GLN A 451 -1.06 -6.75 -3.29
CA GLN A 451 -0.75 -5.70 -2.33
C GLN A 451 -0.85 -6.28 -0.93
N ALA A 452 0.03 -5.83 -0.03
CA ALA A 452 -0.06 -6.22 1.37
C ALA A 452 -0.69 -5.12 2.20
N ASN A 453 -1.48 -5.52 3.19
CA ASN A 453 -2.22 -4.60 4.03
C ASN A 453 -1.60 -4.61 5.41
N ILE A 454 -1.25 -3.41 5.92
CA ILE A 454 -0.53 -3.31 7.18
C ILE A 454 -1.43 -2.67 8.23
N TRP A 455 -2.37 -3.45 8.76
CA TRP A 455 -3.30 -2.95 9.77
C TRP A 455 -2.55 -2.65 11.06
N THR A 456 -2.94 -1.58 11.75
CA THR A 456 -2.08 -1.03 12.81
C THR A 456 -2.66 -1.14 14.23
N GLU A 457 -3.64 -2.03 14.47
CA GLU A 457 -4.09 -2.24 15.84
C GLU A 457 -2.91 -2.45 16.78
N TYR A 458 -1.93 -3.26 16.36
CA TYR A 458 -0.79 -3.59 17.20
C TYR A 458 0.53 -3.04 16.63
N ILE A 459 0.46 -1.98 15.84
CA ILE A 459 1.66 -1.39 15.26
C ILE A 459 1.65 0.11 15.56
N PRO A 460 2.17 0.52 16.73
CA PRO A 460 2.06 1.94 17.12
C PRO A 460 2.97 2.87 16.35
N ASN A 461 4.12 2.42 15.87
CA ASN A 461 5.06 3.35 15.28
C ASN A 461 5.96 2.65 14.26
N LEU A 462 6.85 3.45 13.66
CA LEU A 462 7.63 2.99 12.51
C LEU A 462 8.56 1.81 12.79
N PRO A 463 9.32 1.75 13.88
CA PRO A 463 10.17 0.57 14.07
C PRO A 463 9.41 -0.74 14.06
N LYS A 464 8.23 -0.79 14.69
CA LYS A 464 7.45 -2.02 14.63
C LYS A 464 6.87 -2.25 13.25
N TRP A 465 6.42 -1.18 12.58
CA TRP A 465 5.99 -1.28 11.19
C TRP A 465 7.06 -1.90 10.31
N GLU A 466 8.31 -1.44 10.45
CA GLU A 466 9.39 -1.98 9.64
C GLU A 466 9.62 -3.46 9.92
N TYR A 467 9.47 -3.88 11.19
CA TYR A 467 9.65 -5.29 11.52
C TYR A 467 8.58 -6.15 10.86
N HIS A 468 7.34 -5.65 10.81
CA HIS A 468 6.23 -6.36 10.18
C HIS A 468 6.30 -6.36 8.66
N VAL A 469 6.98 -5.38 8.07
CA VAL A 469 6.94 -5.18 6.62
C VAL A 469 8.19 -5.68 5.93
N PHE A 470 9.36 -5.55 6.56
CA PHE A 470 10.61 -5.98 5.92
C PHE A 470 11.18 -7.16 6.67
N PRO A 471 11.56 -8.25 5.97
CA PRO A 471 11.73 -8.41 4.53
C PRO A 471 10.52 -8.95 3.74
N ARG A 472 9.36 -9.13 4.37
CA ARG A 472 8.20 -9.67 3.65
C ARG A 472 7.88 -8.88 2.39
N ALA A 473 7.98 -7.56 2.45
CA ALA A 473 7.65 -6.73 1.29
C ALA A 473 8.62 -6.93 0.13
N LEU A 474 9.86 -7.36 0.41
CA LEU A 474 10.79 -7.67 -0.67
C LEU A 474 10.35 -8.92 -1.42
N ALA A 475 9.86 -9.92 -0.68
CA ALA A 475 9.30 -11.10 -1.34
C ALA A 475 8.06 -10.74 -2.14
N LEU A 476 7.19 -9.89 -1.58
CA LEU A 476 6.02 -9.45 -2.32
C LEU A 476 6.42 -8.67 -3.57
N ALA A 477 7.43 -7.81 -3.45
CA ALA A 477 7.87 -7.03 -4.60
C ALA A 477 8.22 -7.92 -5.77
N GLU A 478 8.88 -9.06 -5.50
CA GLU A 478 9.25 -9.98 -6.56
C GLU A 478 8.02 -10.70 -7.12
N VAL A 479 7.11 -11.15 -6.25
CA VAL A 479 5.84 -11.74 -6.71
C VAL A 479 5.09 -10.75 -7.61
N ALA A 480 5.11 -9.46 -7.26
CA ALA A 480 4.32 -8.47 -7.99
C ALA A 480 4.94 -8.10 -9.34
N TRP A 481 6.24 -8.28 -9.52
CA TRP A 481 6.95 -7.81 -10.70
C TRP A 481 7.48 -8.93 -11.58
N THR A 482 8.15 -9.90 -11.00
CA THR A 482 8.94 -10.91 -11.71
C THR A 482 8.03 -11.99 -12.28
N PRO A 483 8.32 -12.52 -13.47
CA PRO A 483 7.52 -13.65 -13.99
C PRO A 483 7.53 -14.81 -12.99
N GLN A 484 6.37 -15.45 -12.83
CA GLN A 484 6.26 -16.55 -11.87
C GLN A 484 7.33 -17.59 -12.11
N GLU A 485 7.63 -17.89 -13.38
CA GLU A 485 8.55 -18.97 -13.70
C GLU A 485 10.01 -18.65 -13.39
N LEU A 486 10.34 -17.40 -13.09
CA LEU A 486 11.69 -17.03 -12.70
C LEU A 486 11.91 -16.99 -11.20
N LYS A 487 10.86 -17.14 -10.39
CA LYS A 487 11.05 -17.14 -8.94
C LYS A 487 11.88 -18.34 -8.52
N ASN A 488 12.73 -18.13 -7.53
CA ASN A 488 13.59 -19.20 -7.00
C ASN A 488 13.96 -18.77 -5.59
N GLU A 489 13.49 -19.52 -4.58
CA GLU A 489 13.67 -19.08 -3.20
C GLU A 489 15.15 -19.01 -2.82
N LYS A 490 15.94 -20.00 -3.23
CA LYS A 490 17.36 -20.01 -2.88
C LYS A 490 18.09 -18.79 -3.44
N ASP A 491 17.86 -18.48 -4.73
CA ASP A 491 18.48 -17.30 -5.30
C ASP A 491 17.95 -16.02 -4.67
N PHE A 492 16.65 -15.98 -4.38
CA PHE A 492 16.08 -14.81 -3.73
C PHE A 492 16.75 -14.57 -2.38
N ARG A 493 17.01 -15.64 -1.62
CA ARG A 493 17.66 -15.47 -0.32
C ARG A 493 19.04 -14.86 -0.47
N LYS A 494 19.80 -15.31 -1.48
CA LYS A 494 21.11 -14.72 -1.75
C LYS A 494 20.98 -13.22 -2.01
N ARG A 495 20.04 -12.82 -2.86
CA ARG A 495 19.88 -11.40 -3.15
C ARG A 495 19.36 -10.65 -1.93
N LEU A 496 18.47 -11.28 -1.15
CA LEU A 496 17.95 -10.65 0.06
C LEU A 496 19.07 -10.37 1.06
N ASP A 497 19.95 -11.36 1.27
CA ASP A 497 21.07 -11.14 2.19
C ASP A 497 21.92 -9.95 1.76
N ARG A 498 22.03 -9.72 0.44
CA ARG A 498 22.84 -8.62 -0.06
C ARG A 498 22.13 -7.28 0.02
N GLN A 499 20.84 -7.27 0.35
CA GLN A 499 20.11 -6.04 0.61
C GLN A 499 20.35 -5.51 2.01
N LEU A 500 20.78 -6.38 2.93
CA LEU A 500 20.80 -6.00 4.34
C LEU A 500 21.76 -4.84 4.65
N PRO A 501 22.94 -4.74 4.04
CA PRO A 501 23.79 -3.55 4.32
C PRO A 501 23.09 -2.23 4.01
N PHE A 502 22.35 -2.14 2.90
CA PHE A 502 21.60 -0.92 2.60
C PHE A 502 20.54 -0.67 3.66
N LEU A 503 19.79 -1.70 4.03
CA LEU A 503 18.75 -1.51 5.04
C LEU A 503 19.36 -1.15 6.40
N ASP A 504 20.52 -1.74 6.72
CA ASP A 504 21.20 -1.41 7.97
C ASP A 504 21.64 0.03 7.99
N ALA A 505 22.18 0.53 6.88
CA ALA A 505 22.64 1.91 6.83
C ALA A 505 21.51 2.91 7.04
N ARG A 506 20.26 2.53 6.77
CA ARG A 506 19.10 3.36 7.05
C ARG A 506 18.49 3.10 8.41
N GLY A 507 19.05 2.18 9.19
CA GLY A 507 18.50 1.87 10.49
C GLY A 507 17.14 1.22 10.46
N VAL A 508 16.82 0.49 9.39
CA VAL A 508 15.52 -0.16 9.26
C VAL A 508 15.44 -1.35 10.20
N ASN A 509 14.36 -1.43 10.97
CA ASN A 509 14.16 -2.51 11.95
C ASN A 509 13.49 -3.73 11.30
N TYR A 510 14.12 -4.27 10.27
CA TYR A 510 13.59 -5.46 9.61
C TYR A 510 13.69 -6.68 10.53
N LYS A 511 12.91 -7.71 10.20
CA LYS A 511 13.03 -8.99 10.89
C LYS A 511 14.16 -9.78 10.25
N ARG A 512 15.22 -10.03 11.02
CA ARG A 512 16.41 -10.64 10.46
C ARG A 512 16.11 -12.00 9.84
N PRO A 513 16.42 -12.22 8.56
CA PRO A 513 16.28 -13.57 8.00
C PRO A 513 17.05 -14.65 8.75
N ASP A 514 18.21 -14.33 9.33
CA ASP A 514 19.04 -15.39 9.90
C ASP A 514 18.45 -15.95 11.19
N ASN A 515 18.01 -15.08 12.11
CA ASN A 515 17.54 -15.55 13.41
C ASN A 515 16.18 -15.00 13.82
N GLY A 516 15.53 -14.21 12.97
CA GLY A 516 14.21 -13.70 13.28
C GLY A 516 14.16 -12.56 14.29
N ALA A 517 15.31 -12.09 14.80
CA ALA A 517 15.31 -11.01 15.76
C ALA A 517 15.19 -9.65 15.06
N PRO A 518 14.76 -8.62 15.77
CA PRO A 518 14.77 -7.27 15.19
C PRO A 518 16.19 -6.86 14.82
N ALA A 519 16.32 -6.22 13.65
CA ALA A 519 17.61 -5.68 13.25
C ALA A 519 18.03 -4.51 14.14
N GLN A 520 17.06 -3.83 14.76
CA GLN A 520 17.30 -2.73 15.69
C GLN A 520 16.63 -3.10 17.02
N PRO A 521 17.25 -3.99 17.80
CA PRO A 521 16.57 -4.51 19.00
C PRO A 521 16.31 -3.47 20.08
N LYS A 522 16.98 -2.33 20.04
CA LYS A 522 16.77 -1.28 21.03
C LYS A 522 15.80 -0.20 20.56
N ALA A 523 15.19 -0.36 19.39
CA ALA A 523 14.24 0.64 18.91
C ALA A 523 13.05 0.74 19.85
N VAL A 524 12.61 1.97 20.11
CA VAL A 524 11.53 2.22 21.03
C VAL A 524 10.21 2.13 20.27
N ILE A 525 9.33 1.25 20.74
CA ILE A 525 8.01 1.07 20.14
C ILE A 525 7.00 1.69 21.10
N THR A 526 6.36 2.78 20.68
CA THR A 526 5.52 3.56 21.59
C THR A 526 4.41 4.25 20.82
N ARG A 527 3.33 4.56 21.54
CA ARG A 527 2.24 5.37 21.00
C ARG A 527 2.52 6.86 21.08
N GLU A 528 3.54 7.28 21.81
CA GLU A 528 3.83 8.69 21.95
C GLU A 528 4.30 9.26 20.62
N ARG A 529 3.79 10.44 20.29
CA ARG A 529 4.04 11.02 18.99
C ARG A 529 4.73 12.36 19.13
#